data_7XMH
#
_entry.id   7XMH
#
_cell.length_a   60.698
_cell.length_b   69.403
_cell.length_c   73.019
_cell.angle_alpha   90.000
_cell.angle_beta   90.000
_cell.angle_gamma   90.000
#
_symmetry.space_group_name_H-M   'P 21 21 21'
#
loop_
_entity.id
_entity.type
_entity.pdbx_description
1 polymer 'Putative class III chitinase'
2 non-polymer 1,2-ETHANEDIOL
3 non-polymer 'ACETATE ION'
4 water water
#
_entity_poly.entity_id   1
_entity_poly.type   'polypeptide(L)'
_entity_poly.pdbx_seq_one_letter_code
;MHHHHHHTNGYLFREYIGAQFTGVRFSDVPINPNLSFNFILSFAIDYTSPAGGATPAPTNGVFSPYWDTANLSPADVAAV
KAAHPNVSVMVGLGGDSVQDTAKVFFSPTSVDSWVANAVASVSGIIDAYGLDGVDVDYEHFNDDGGAGVDTFVECIGRLL
TELKARHPNITTSIAPFEDAVVQRYYQPLWRRYAGVIDLVNFQFYGYGDNTDVPTYVMFYDEQAANYPGGKVLASFKTGD
VAGLLWPEQGIAGAKELQRQGKLPGLFIWSADSSKVSSYGFEYEIKAQEIIANH
;
_entity_poly.pdbx_strand_id   A
#
loop_
_chem_comp.id
_chem_comp.type
_chem_comp.name
_chem_comp.formula
ACT non-polymer 'ACETATE ION' 'C2 H3 O2 -1'
EDO non-polymer 1,2-ETHANEDIOL 'C2 H6 O2'
#
# COMPACT_ATOMS: atom_id res chain seq x y z
N MET A 1 -11.22 -31.76 -12.22
CA MET A 1 -12.47 -31.60 -11.45
C MET A 1 -12.86 -30.12 -11.48
N HIS A 2 -14.13 -29.80 -11.29
CA HIS A 2 -14.55 -28.37 -11.22
C HIS A 2 -13.89 -27.73 -10.00
N HIS A 3 -13.46 -26.48 -10.18
CA HIS A 3 -12.99 -25.57 -9.11
C HIS A 3 -14.23 -24.88 -8.52
N HIS A 4 -14.27 -24.65 -7.21
CA HIS A 4 -15.36 -23.86 -6.59
C HIS A 4 -15.35 -22.47 -7.26
N HIS A 5 -16.52 -21.97 -7.66
CA HIS A 5 -16.69 -20.61 -8.23
C HIS A 5 -16.35 -19.59 -7.14
N HIS A 6 -15.44 -18.66 -7.41
CA HIS A 6 -15.05 -17.60 -6.44
C HIS A 6 -16.11 -16.50 -6.41
N HIS A 7 -16.30 -15.96 -5.23
CA HIS A 7 -17.34 -14.92 -4.97
C HIS A 7 -16.72 -13.82 -4.14
N THR A 8 -15.73 -13.11 -4.69
CA THR A 8 -14.95 -12.11 -3.92
C THR A 8 -15.04 -10.72 -4.54
N ASN A 9 -15.77 -10.53 -5.63
CA ASN A 9 -15.67 -9.22 -6.32
C ASN A 9 -16.12 -8.11 -5.38
N GLY A 10 -15.33 -7.05 -5.29
CA GLY A 10 -15.63 -5.94 -4.38
C GLY A 10 -15.56 -4.61 -5.09
N TYR A 11 -15.67 -3.58 -4.27
CA TYR A 11 -15.88 -2.20 -4.74
C TYR A 11 -14.79 -1.27 -4.23
N LEU A 12 -13.60 -1.79 -3.97
CA LEU A 12 -12.48 -1.00 -3.42
C LEU A 12 -11.45 -0.64 -4.49
N PHE A 13 -11.12 0.63 -4.57
CA PHE A 13 -10.00 1.15 -5.40
C PHE A 13 -9.08 1.95 -4.50
N ARG A 14 -7.78 1.70 -4.60
CA ARG A 14 -6.79 2.43 -3.80
C ARG A 14 -5.74 3.05 -4.71
N GLU A 15 -5.22 4.20 -4.30
CA GLU A 15 -4.28 5.02 -5.09
C GLU A 15 -3.15 5.47 -4.18
N TYR A 16 -1.94 5.03 -4.43
CA TYR A 16 -0.76 5.59 -3.73
C TYR A 16 -0.49 7.00 -4.25
N ILE A 17 -0.09 7.89 -3.35
CA ILE A 17 0.12 9.31 -3.71
C ILE A 17 1.16 9.93 -2.79
N GLY A 18 2.01 10.77 -3.38
CA GLY A 18 2.81 11.75 -2.64
C GLY A 18 4.31 11.48 -2.58
N ALA A 19 4.82 10.38 -3.10
CA ALA A 19 6.24 10.02 -2.90
C ALA A 19 7.16 10.76 -3.87
N GLN A 20 6.67 11.21 -5.00
CA GLN A 20 7.56 11.54 -6.15
C GLN A 20 7.65 13.04 -6.39
N PHE A 21 6.92 13.86 -5.64
CA PHE A 21 7.07 15.35 -5.69
C PHE A 21 6.90 15.83 -7.14
N THR A 22 5.80 15.41 -7.76
CA THR A 22 5.40 15.89 -9.12
C THR A 22 4.28 16.93 -9.00
N GLY A 23 4.02 17.46 -7.81
CA GLY A 23 3.02 18.53 -7.61
C GLY A 23 1.61 17.99 -7.58
N VAL A 24 1.42 16.68 -7.55
CA VAL A 24 0.05 16.11 -7.56
C VAL A 24 -0.66 16.44 -6.25
N ARG A 25 -1.96 16.68 -6.36
CA ARG A 25 -2.85 17.00 -5.22
C ARG A 25 -4.01 16.01 -5.25
N PHE A 26 -4.63 15.78 -4.12
CA PHE A 26 -5.80 14.86 -4.08
C PHE A 26 -6.81 15.27 -5.15
N SER A 27 -7.06 16.59 -5.31
CA SER A 27 -8.10 17.10 -6.24
C SER A 27 -7.76 16.84 -7.70
N ASP A 28 -6.51 16.48 -8.02
CA ASP A 28 -6.15 16.16 -9.42
C ASP A 28 -6.69 14.79 -9.81
N VAL A 29 -6.91 13.89 -8.85
CA VAL A 29 -7.17 12.47 -9.16
C VAL A 29 -8.67 12.31 -9.36
N PRO A 30 -9.13 11.75 -10.48
CA PRO A 30 -10.55 11.49 -10.65
C PRO A 30 -11.02 10.46 -9.61
N ILE A 31 -12.11 10.78 -8.93
CA ILE A 31 -12.69 9.91 -7.87
C ILE A 31 -14.07 9.48 -8.36
N ASN A 32 -14.24 8.20 -8.59
CA ASN A 32 -15.53 7.64 -9.01
C ASN A 32 -16.43 7.61 -7.77
N PRO A 33 -17.63 8.22 -7.81
CA PRO A 33 -18.47 8.30 -6.62
C PRO A 33 -19.16 6.98 -6.28
N ASN A 34 -19.01 5.96 -7.11
CA ASN A 34 -19.82 4.71 -7.04
C ASN A 34 -18.98 3.55 -6.52
N LEU A 35 -17.92 3.84 -5.76
CA LEU A 35 -17.06 2.80 -5.15
C LEU A 35 -16.46 3.36 -3.85
N SER A 36 -15.73 2.53 -3.15
CA SER A 36 -14.93 2.92 -1.98
C SER A 36 -13.54 3.31 -2.46
N PHE A 37 -13.12 4.53 -2.20
CA PHE A 37 -11.86 5.06 -2.73
C PHE A 37 -10.89 5.28 -1.57
N ASN A 38 -9.66 4.81 -1.71
CA ASN A 38 -8.64 5.11 -0.69
C ASN A 38 -7.45 5.79 -1.35
N PHE A 39 -6.93 6.84 -0.73
CA PHE A 39 -5.57 7.33 -1.01
C PHE A 39 -4.62 6.74 0.02
N ILE A 40 -3.39 6.45 -0.39
CA ILE A 40 -2.34 5.98 0.55
C ILE A 40 -1.17 6.94 0.44
N LEU A 41 -0.95 7.72 1.48
CA LEU A 41 0.13 8.72 1.53
C LEU A 41 1.47 7.99 1.61
N SER A 42 2.35 8.31 0.70
CA SER A 42 3.58 7.52 0.44
C SER A 42 4.80 8.39 0.67
N PHE A 43 5.49 8.29 1.82
CA PHE A 43 5.37 7.31 2.89
C PHE A 43 5.83 7.99 4.18
N ALA A 44 5.37 7.48 5.31
CA ALA A 44 6.04 7.72 6.60
C ALA A 44 7.17 6.70 6.73
N ILE A 45 8.29 7.12 7.28
CA ILE A 45 9.49 6.26 7.36
C ILE A 45 10.16 6.46 8.71
N ASP A 46 10.65 5.39 9.30
CA ASP A 46 11.43 5.45 10.56
C ASP A 46 12.91 5.60 10.22
N TYR A 47 13.21 6.68 9.50
CA TYR A 47 14.57 7.10 9.15
C TYR A 47 14.66 8.60 9.38
N THR A 48 15.89 9.06 9.61
CA THR A 48 16.19 10.50 9.69
C THR A 48 16.14 11.14 8.30
N SER A 49 16.15 12.46 8.27
CA SER A 49 15.86 13.24 7.05
C SER A 49 17.10 13.34 6.16
N PRO A 50 16.93 13.23 4.82
CA PRO A 50 18.02 13.51 3.89
C PRO A 50 18.17 14.99 3.53
N ALA A 51 17.35 15.87 4.10
CA ALA A 51 17.32 17.30 3.71
C ALA A 51 18.75 17.85 3.75
N GLY A 52 19.14 18.60 2.71
CA GLY A 52 20.45 19.28 2.62
C GLY A 52 21.61 18.32 2.43
N GLY A 53 21.34 17.07 2.04
CA GLY A 53 22.40 16.08 1.70
C GLY A 53 22.81 15.21 2.87
N ALA A 54 22.09 15.22 3.98
CA ALA A 54 22.39 14.34 5.13
C ALA A 54 22.10 12.88 4.74
N THR A 55 22.84 11.92 5.31
CA THR A 55 22.61 10.46 5.11
C THR A 55 21.52 9.98 6.06
N PRO A 56 20.33 9.56 5.56
CA PRO A 56 19.30 9.02 6.45
C PRO A 56 19.77 7.74 7.16
N ALA A 57 19.39 7.61 8.42
CA ALA A 57 19.66 6.42 9.24
C ALA A 57 18.37 6.00 9.93
N PRO A 58 18.27 4.71 10.26
CA PRO A 58 17.10 4.22 10.98
C PRO A 58 16.90 4.92 12.33
N THR A 59 15.66 5.09 12.73
CA THR A 59 15.29 5.74 14.01
C THR A 59 14.66 4.73 14.97
N ASN A 60 14.70 3.44 14.66
CA ASN A 60 14.09 2.42 15.54
C ASN A 60 12.60 2.67 15.71
N GLY A 61 11.89 2.90 14.61
CA GLY A 61 10.42 2.95 14.63
C GLY A 61 9.87 4.33 14.91
N VAL A 62 10.70 5.37 14.96
CA VAL A 62 10.17 6.76 15.07
C VAL A 62 9.90 7.24 13.65
N PHE A 63 8.64 7.15 13.24
CA PHE A 63 8.21 7.48 11.87
C PHE A 63 8.01 8.99 11.73
N SER A 64 8.39 9.50 10.57
CA SER A 64 8.09 10.87 10.11
C SER A 64 7.49 10.82 8.72
N PRO A 65 6.56 11.74 8.36
CA PRO A 65 6.12 11.84 6.97
C PRO A 65 7.25 12.29 6.03
N TYR A 66 7.37 11.61 4.91
CA TYR A 66 8.33 11.99 3.84
C TYR A 66 7.63 12.13 2.49
N TRP A 67 6.30 12.06 2.44
CA TRP A 67 5.56 12.44 1.23
C TRP A 67 5.60 13.97 1.08
N ASP A 68 5.01 14.45 -0.01
CA ASP A 68 4.92 15.90 -0.29
C ASP A 68 3.87 16.52 0.64
N THR A 69 4.26 16.79 1.87
CA THR A 69 3.33 17.29 2.91
C THR A 69 2.81 18.67 2.55
N ALA A 70 3.54 19.46 1.77
CA ALA A 70 3.10 20.82 1.38
C ALA A 70 1.83 20.71 0.52
N ASN A 71 1.74 19.71 -0.35
CA ASN A 71 0.58 19.52 -1.25
C ASN A 71 -0.44 18.53 -0.70
N LEU A 72 -0.11 17.79 0.37
CA LEU A 72 -0.96 16.71 0.91
C LEU A 72 -0.97 16.86 2.43
N SER A 73 -1.62 17.92 2.88
CA SER A 73 -1.61 18.38 4.28
C SER A 73 -2.83 17.83 5.01
N PRO A 74 -2.89 17.97 6.35
CA PRO A 74 -4.10 17.60 7.07
C PRO A 74 -5.35 18.32 6.52
N ALA A 75 -5.23 19.60 6.17
CA ALA A 75 -6.37 20.36 5.61
C ALA A 75 -6.76 19.76 4.25
N ASP A 76 -5.79 19.30 3.47
CA ASP A 76 -6.11 18.72 2.15
C ASP A 76 -6.84 17.39 2.33
N VAL A 77 -6.43 16.59 3.31
CA VAL A 77 -7.14 15.32 3.63
C VAL A 77 -8.59 15.66 3.98
N ALA A 78 -8.78 16.62 4.87
CA ALA A 78 -10.14 17.00 5.32
C ALA A 78 -10.97 17.46 4.11
N ALA A 79 -10.38 18.25 3.23
CA ALA A 79 -11.11 18.85 2.10
C ALA A 79 -11.54 17.75 1.12
N VAL A 80 -10.66 16.81 0.79
CA VAL A 80 -11.05 15.79 -0.20
C VAL A 80 -12.13 14.89 0.42
N LYS A 81 -12.04 14.61 1.71
CA LYS A 81 -13.07 13.75 2.35
C LYS A 81 -14.40 14.48 2.48
N ALA A 82 -14.39 15.79 2.70
CA ALA A 82 -15.66 16.58 2.78
C ALA A 82 -16.33 16.60 1.40
N ALA A 83 -15.55 16.64 0.32
CA ALA A 83 -16.09 16.72 -1.04
C ALA A 83 -16.51 15.32 -1.53
N HIS A 84 -15.94 14.26 -0.96
CA HIS A 84 -16.11 12.87 -1.45
C HIS A 84 -16.33 11.95 -0.27
N PRO A 85 -17.59 11.73 0.14
CA PRO A 85 -17.85 10.92 1.33
C PRO A 85 -17.38 9.47 1.22
N ASN A 86 -17.05 9.03 0.01
CA ASN A 86 -16.57 7.66 -0.25
C ASN A 86 -15.04 7.56 -0.12
N VAL A 87 -14.35 8.63 0.22
CA VAL A 87 -12.87 8.63 0.29
C VAL A 87 -12.41 8.41 1.72
N SER A 88 -11.41 7.56 1.86
CA SER A 88 -10.59 7.40 3.07
C SER A 88 -9.14 7.65 2.70
N VAL A 89 -8.34 8.08 3.66
CA VAL A 89 -6.90 8.33 3.42
C VAL A 89 -6.12 7.56 4.48
N MET A 90 -5.17 6.76 4.01
CA MET A 90 -4.31 5.94 4.89
C MET A 90 -2.86 6.43 4.75
N VAL A 91 -2.02 6.06 5.70
CA VAL A 91 -0.57 6.33 5.62
C VAL A 91 0.15 5.04 5.29
N GLY A 92 1.00 5.09 4.27
CA GLY A 92 1.93 4.00 3.96
C GLY A 92 3.20 4.12 4.78
N LEU A 93 3.71 2.99 5.24
CA LEU A 93 4.96 2.92 6.01
C LEU A 93 6.04 2.26 5.15
N GLY A 94 7.20 2.89 5.08
CA GLY A 94 8.38 2.29 4.45
C GLY A 94 8.56 2.79 3.03
N GLY A 95 8.28 1.94 2.05
CA GLY A 95 8.58 2.21 0.64
C GLY A 95 10.02 1.90 0.32
N ASP A 96 10.42 2.13 -0.92
CA ASP A 96 11.75 1.68 -1.39
C ASP A 96 12.88 2.47 -0.72
N SER A 97 12.80 3.79 -0.69
CA SER A 97 13.96 4.64 -0.34
C SER A 97 13.50 5.86 0.43
N VAL A 98 14.43 6.55 1.06
CA VAL A 98 14.12 7.80 1.78
C VAL A 98 14.24 8.94 0.77
N GLN A 99 13.13 9.31 0.14
CA GLN A 99 13.14 10.36 -0.92
C GLN A 99 14.29 10.12 -1.91
N ASP A 100 14.42 8.88 -2.38
CA ASP A 100 15.34 8.48 -3.46
C ASP A 100 16.79 8.54 -2.98
N THR A 101 17.04 8.41 -1.68
CA THR A 101 18.43 8.33 -1.16
C THR A 101 18.63 6.91 -0.62
N ALA A 102 18.87 6.76 0.67
CA ALA A 102 19.09 5.44 1.29
C ALA A 102 17.90 4.52 1.05
N LYS A 103 18.16 3.25 0.83
CA LYS A 103 17.07 2.26 0.81
C LYS A 103 16.52 2.10 2.22
N VAL A 104 15.22 1.91 2.33
CA VAL A 104 14.53 1.75 3.64
C VAL A 104 14.58 0.28 4.03
N PHE A 105 15.40 -0.04 5.01
CA PHE A 105 15.41 -1.39 5.62
C PHE A 105 14.51 -1.41 6.85
N PHE A 106 13.92 -2.57 7.08
CA PHE A 106 13.31 -2.94 8.38
C PHE A 106 14.46 -3.23 9.35
N SER A 107 14.67 -2.33 10.30
CA SER A 107 15.89 -2.34 11.14
C SER A 107 15.56 -1.95 12.57
N PRO A 108 14.79 -2.78 13.28
CA PRO A 108 14.50 -2.52 14.68
C PRO A 108 15.71 -2.84 15.57
N THR A 109 15.86 -2.08 16.64
CA THR A 109 16.81 -2.40 17.73
C THR A 109 16.33 -3.63 18.47
N SER A 110 15.04 -3.69 18.75
CA SER A 110 14.38 -4.84 19.42
C SER A 110 12.90 -4.74 19.11
N VAL A 111 12.17 -5.84 19.28
CA VAL A 111 10.70 -5.78 19.06
C VAL A 111 10.12 -4.71 19.97
N ASP A 112 10.40 -4.77 21.27
CA ASP A 112 9.61 -3.91 22.19
C ASP A 112 9.94 -2.44 21.99
N SER A 113 11.19 -2.12 21.74
CA SER A 113 11.58 -0.70 21.57
C SER A 113 11.01 -0.17 20.26
N TRP A 114 11.11 -0.93 19.18
CA TRP A 114 10.59 -0.50 17.87
C TRP A 114 9.06 -0.34 17.96
N VAL A 115 8.38 -1.31 18.53
CA VAL A 115 6.89 -1.24 18.61
C VAL A 115 6.49 -0.02 19.42
N ALA A 116 7.13 0.24 20.55
CA ALA A 116 6.74 1.40 21.38
C ALA A 116 6.89 2.69 20.55
N ASN A 117 8.01 2.84 19.85
CA ASN A 117 8.25 4.04 19.02
C ASN A 117 7.26 4.09 17.86
N ALA A 118 6.99 2.96 17.24
CA ALA A 118 6.13 2.90 16.03
C ALA A 118 4.68 3.18 16.43
N VAL A 119 4.20 2.59 17.50
CA VAL A 119 2.82 2.89 17.95
C VAL A 119 2.68 4.39 18.21
N ALA A 120 3.60 4.95 18.96
CA ALA A 120 3.48 6.38 19.33
C ALA A 120 3.55 7.24 18.06
N SER A 121 4.54 7.00 17.21
CA SER A 121 4.77 7.91 16.07
C SER A 121 3.72 7.70 14.97
N VAL A 122 3.36 6.46 14.68
CA VAL A 122 2.33 6.24 13.63
C VAL A 122 0.97 6.70 14.15
N SER A 123 0.64 6.44 15.40
CA SER A 123 -0.63 6.96 15.96
CA SER A 123 -0.59 6.99 16.03
C SER A 123 -0.61 8.50 15.89
N GLY A 124 0.54 9.11 16.13
CA GLY A 124 0.67 10.56 16.04
C GLY A 124 0.41 11.08 14.64
N ILE A 125 0.90 10.38 13.61
CA ILE A 125 0.67 10.80 12.21
C ILE A 125 -0.81 10.59 11.86
N ILE A 126 -1.38 9.46 12.25
CA ILE A 126 -2.83 9.23 12.02
C ILE A 126 -3.62 10.37 12.66
N ASP A 127 -3.29 10.72 13.88
CA ASP A 127 -4.00 11.82 14.59
C ASP A 127 -3.81 13.13 13.85
N ALA A 128 -2.58 13.45 13.49
CA ALA A 128 -2.30 14.79 12.94
C ALA A 128 -3.00 14.97 11.60
N TYR A 129 -3.10 13.91 10.80
CA TYR A 129 -3.66 14.00 9.44
C TYR A 129 -5.11 13.55 9.44
N GLY A 130 -5.65 13.07 10.55
CA GLY A 130 -7.05 12.60 10.60
C GLY A 130 -7.25 11.36 9.75
N LEU A 131 -6.31 10.42 9.78
CA LEU A 131 -6.28 9.30 8.79
C LEU A 131 -7.15 8.13 9.21
N ASP A 132 -7.31 7.22 8.25
CA ASP A 132 -8.27 6.10 8.30
C ASP A 132 -7.55 4.75 8.35
N GLY A 133 -6.24 4.75 8.38
CA GLY A 133 -5.53 3.48 8.46
C GLY A 133 -4.09 3.57 7.99
N VAL A 134 -3.51 2.41 7.79
CA VAL A 134 -2.04 2.24 7.63
C VAL A 134 -1.78 1.06 6.71
N ASP A 135 -0.84 1.27 5.79
CA ASP A 135 -0.38 0.25 4.84
C ASP A 135 1.08 -0.03 5.16
N VAL A 136 1.44 -1.28 5.38
CA VAL A 136 2.84 -1.64 5.72
C VAL A 136 3.58 -2.07 4.46
N ASP A 137 4.59 -1.29 4.08
CA ASP A 137 5.31 -1.48 2.81
C ASP A 137 6.83 -1.48 3.04
N TYR A 138 7.30 -2.25 4.01
CA TYR A 138 8.74 -2.57 4.07
C TYR A 138 9.10 -3.48 2.91
N GLU A 139 10.18 -3.15 2.22
CA GLU A 139 10.61 -3.87 0.99
C GLU A 139 12.06 -4.31 1.05
N HIS A 140 12.80 -3.94 2.08
CA HIS A 140 14.24 -4.31 2.21
C HIS A 140 14.46 -4.89 3.59
N PHE A 141 15.08 -6.06 3.62
CA PHE A 141 15.32 -6.84 4.85
C PHE A 141 16.79 -7.22 4.93
N ASN A 142 17.32 -7.12 6.15
CA ASN A 142 18.71 -7.56 6.45
C ASN A 142 18.63 -9.05 6.81
N ASP A 143 18.46 -9.88 5.79
CA ASP A 143 18.08 -11.31 5.94
C ASP A 143 19.31 -12.19 6.20
N ASP A 144 20.53 -11.64 6.23
CA ASP A 144 21.78 -12.39 6.47
C ASP A 144 22.48 -11.86 7.74
N GLY A 145 21.75 -11.82 8.86
CA GLY A 145 22.31 -11.49 10.20
C GLY A 145 21.61 -10.31 10.85
N GLY A 146 20.82 -9.54 10.09
CA GLY A 146 19.98 -8.45 10.64
C GLY A 146 18.67 -8.99 11.17
N ALA A 147 17.66 -8.13 11.29
CA ALA A 147 16.35 -8.46 11.90
C ALA A 147 15.64 -9.51 11.04
N GLY A 148 15.30 -10.64 11.64
CA GLY A 148 14.75 -11.81 10.96
C GLY A 148 13.23 -11.80 10.87
N VAL A 149 12.71 -12.88 10.32
CA VAL A 149 11.27 -13.00 10.01
C VAL A 149 10.46 -12.88 11.30
N ASP A 150 10.82 -13.60 12.36
CA ASP A 150 9.96 -13.58 13.58
C ASP A 150 9.97 -12.18 14.18
N THR A 151 11.09 -11.49 14.17
CA THR A 151 11.16 -10.10 14.67
C THR A 151 10.21 -9.21 13.86
N PHE A 152 10.22 -9.36 12.54
CA PHE A 152 9.31 -8.59 11.66
C PHE A 152 7.85 -8.92 11.99
N VAL A 153 7.53 -10.20 12.07
CA VAL A 153 6.14 -10.63 12.35
C VAL A 153 5.67 -9.99 13.67
N GLU A 154 6.49 -10.08 14.72
CA GLU A 154 6.09 -9.54 16.04
C GLU A 154 6.01 -8.01 15.97
N CYS A 155 6.97 -7.36 15.34
CA CYS A 155 6.95 -5.88 15.26
C CYS A 155 5.68 -5.40 14.56
N ILE A 156 5.42 -5.92 13.37
CA ILE A 156 4.25 -5.41 12.59
C ILE A 156 2.96 -5.90 13.26
N GLY A 157 2.90 -7.16 13.67
CA GLY A 157 1.69 -7.67 14.30
C GLY A 157 1.32 -6.89 15.54
N ARG A 158 2.30 -6.59 16.39
CA ARG A 158 2.02 -5.85 17.65
C ARG A 158 1.70 -4.38 17.34
N LEU A 159 2.36 -3.80 16.36
CA LEU A 159 2.01 -2.42 15.95
C LEU A 159 0.54 -2.39 15.52
N LEU A 160 0.15 -3.27 14.62
CA LEU A 160 -1.22 -3.21 14.06
C LEU A 160 -2.23 -3.59 15.14
N THR A 161 -1.90 -4.54 16.01
CA THR A 161 -2.80 -4.91 17.13
C THR A 161 -3.06 -3.69 18.00
N GLU A 162 -2.02 -2.94 18.36
CA GLU A 162 -2.20 -1.79 19.28
C GLU A 162 -2.92 -0.67 18.54
N LEU A 163 -2.63 -0.45 17.27
CA LEU A 163 -3.35 0.61 16.52
C LEU A 163 -4.84 0.24 16.42
N LYS A 164 -5.18 -1.04 16.22
CA LYS A 164 -6.59 -1.53 16.18
C LYS A 164 -7.24 -1.41 17.56
N ALA A 165 -6.46 -1.51 18.63
CA ALA A 165 -6.93 -1.20 20.00
C ALA A 165 -7.23 0.31 20.12
N ARG A 166 -6.36 1.20 19.63
CA ARG A 166 -6.44 2.67 19.84
C ARG A 166 -7.33 3.37 18.81
N HIS A 167 -7.42 2.82 17.59
CA HIS A 167 -8.25 3.33 16.47
C HIS A 167 -9.07 2.14 15.95
N PRO A 168 -10.14 1.72 16.65
CA PRO A 168 -10.79 0.45 16.31
C PRO A 168 -11.38 0.32 14.89
N ASN A 169 -11.67 1.42 14.20
CA ASN A 169 -12.31 1.37 12.85
C ASN A 169 -11.27 1.50 11.74
N ILE A 170 -9.97 1.52 12.05
CA ILE A 170 -8.99 1.81 10.98
C ILE A 170 -8.83 0.57 10.10
N THR A 171 -8.37 0.85 8.90
CA THR A 171 -8.12 -0.17 7.89
C THR A 171 -6.61 -0.39 7.78
N THR A 172 -6.19 -1.62 7.96
CA THR A 172 -4.77 -1.98 7.87
C THR A 172 -4.52 -2.82 6.62
N SER A 173 -3.31 -2.72 6.10
CA SER A 173 -2.92 -3.50 4.92
C SER A 173 -1.43 -3.76 4.96
N ILE A 174 -1.04 -4.79 4.20
CA ILE A 174 0.38 -5.11 3.93
C ILE A 174 0.57 -5.06 2.42
N ALA A 175 1.78 -4.75 1.97
CA ALA A 175 2.06 -4.56 0.52
C ALA A 175 3.23 -5.41 0.07
N PRO A 176 3.12 -6.76 0.15
CA PRO A 176 4.17 -7.64 -0.37
C PRO A 176 4.21 -7.61 -1.90
N PHE A 177 5.27 -8.22 -2.43
CA PHE A 177 5.44 -8.41 -3.87
C PHE A 177 6.26 -9.68 -4.09
N GLU A 178 6.44 -10.05 -5.36
CA GLU A 178 7.02 -11.36 -5.70
C GLU A 178 8.53 -11.27 -5.63
N ASP A 179 9.07 -11.48 -4.45
CA ASP A 179 10.51 -11.53 -4.13
C ASP A 179 10.60 -12.58 -3.03
N ALA A 180 11.54 -13.51 -3.14
CA ALA A 180 11.56 -14.67 -2.22
C ALA A 180 11.74 -14.20 -0.76
N VAL A 181 12.61 -13.23 -0.55
CA VAL A 181 12.84 -12.71 0.84
C VAL A 181 11.57 -12.01 1.32
N VAL A 182 11.03 -11.10 0.52
CA VAL A 182 9.83 -10.32 0.94
C VAL A 182 8.69 -11.30 1.26
N GLN A 183 8.48 -12.32 0.43
CA GLN A 183 7.39 -13.29 0.67
C GLN A 183 7.60 -14.07 1.97
N ARG A 184 8.86 -14.38 2.29
CA ARG A 184 9.22 -15.12 3.53
C ARG A 184 8.90 -14.26 4.76
N TYR A 185 8.98 -12.94 4.65
CA TYR A 185 8.68 -12.03 5.78
C TYR A 185 7.17 -11.81 5.91
N TYR A 186 6.43 -11.62 4.80
CA TYR A 186 5.00 -11.23 4.90
C TYR A 186 4.09 -12.44 5.06
N GLN A 187 4.42 -13.60 4.49
CA GLN A 187 3.47 -14.74 4.59
C GLN A 187 3.23 -15.16 6.04
N PRO A 188 4.25 -15.31 6.91
CA PRO A 188 3.98 -15.67 8.30
C PRO A 188 3.31 -14.53 9.10
N LEU A 189 3.55 -13.27 8.70
CA LEU A 189 2.85 -12.13 9.31
C LEU A 189 1.35 -12.27 9.07
N TRP A 190 0.94 -12.56 7.83
CA TRP A 190 -0.49 -12.78 7.52
C TRP A 190 -1.02 -14.00 8.28
N ARG A 191 -0.25 -15.08 8.31
CA ARG A 191 -0.72 -16.30 9.02
C ARG A 191 -1.01 -15.96 10.49
N ARG A 192 -0.09 -15.25 11.14
CA ARG A 192 -0.08 -15.09 12.62
C ARG A 192 -0.92 -13.89 13.04
N TYR A 193 -1.20 -12.92 12.16
CA TYR A 193 -1.87 -11.65 12.52
C TYR A 193 -2.95 -11.26 11.51
N ALA A 194 -3.53 -12.20 10.74
CA ALA A 194 -4.60 -11.90 9.76
C ALA A 194 -5.77 -11.15 10.43
N GLY A 195 -6.04 -11.43 11.71
CA GLY A 195 -7.16 -10.81 12.44
C GLY A 195 -7.05 -9.30 12.51
N VAL A 196 -5.84 -8.75 12.44
CA VAL A 196 -5.63 -7.28 12.53
C VAL A 196 -5.09 -6.72 11.20
N ILE A 197 -5.09 -7.51 10.13
CA ILE A 197 -4.67 -7.03 8.76
C ILE A 197 -5.86 -7.18 7.79
N ASP A 198 -6.40 -6.05 7.37
CA ASP A 198 -7.67 -6.06 6.62
C ASP A 198 -7.44 -6.46 5.17
N LEU A 199 -6.35 -5.99 4.56
CA LEU A 199 -6.18 -6.11 3.08
C LEU A 199 -4.75 -6.49 2.76
N VAL A 200 -4.58 -7.19 1.65
CA VAL A 200 -3.26 -7.49 1.08
C VAL A 200 -3.12 -6.71 -0.23
N ASN A 201 -2.35 -5.63 -0.18
CA ASN A 201 -2.03 -4.81 -1.37
C ASN A 201 -0.87 -5.49 -2.11
N PHE A 202 -1.13 -6.63 -2.72
CA PHE A 202 -0.05 -7.35 -3.42
C PHE A 202 0.32 -6.55 -4.67
N GLN A 203 1.62 -6.28 -4.85
CA GLN A 203 2.11 -5.49 -5.99
C GLN A 203 2.35 -6.43 -7.16
N PHE A 204 1.55 -6.31 -8.21
CA PHE A 204 1.65 -7.19 -9.40
C PHE A 204 2.37 -6.48 -10.55
N TYR A 205 3.08 -5.40 -10.30
CA TYR A 205 3.56 -4.52 -11.42
C TYR A 205 4.54 -5.26 -12.32
N THR A 211 8.35 -13.56 -12.93
CA THR A 211 7.81 -14.94 -12.80
C THR A 211 7.69 -15.58 -14.19
N ASP A 212 7.75 -16.91 -14.26
CA ASP A 212 7.47 -17.70 -15.49
C ASP A 212 5.97 -18.03 -15.56
N VAL A 213 5.19 -17.62 -14.55
CA VAL A 213 3.72 -17.80 -14.57
C VAL A 213 3.17 -17.06 -15.80
N PRO A 214 2.39 -17.71 -16.67
CA PRO A 214 2.06 -17.17 -17.99
C PRO A 214 0.93 -16.14 -18.05
N THR A 215 0.08 -16.08 -17.04
CA THR A 215 -1.11 -15.21 -17.07
C THR A 215 -1.20 -14.45 -15.75
N TYR A 216 -1.84 -13.28 -15.86
CA TYR A 216 -2.09 -12.43 -14.68
C TYR A 216 -2.95 -13.20 -13.67
N VAL A 217 -3.98 -13.91 -14.10
CA VAL A 217 -4.86 -14.61 -13.13
C VAL A 217 -4.08 -15.73 -12.46
N MET A 218 -3.26 -16.48 -13.18
CA MET A 218 -2.50 -17.55 -12.48
C MET A 218 -1.57 -16.95 -11.43
N PHE A 219 -0.97 -15.81 -11.73
CA PHE A 219 -0.09 -15.09 -10.78
C PHE A 219 -0.89 -14.62 -9.57
N TYR A 220 -2.06 -14.03 -9.81
CA TYR A 220 -2.96 -13.60 -8.73
C TYR A 220 -3.30 -14.80 -7.85
N ASP A 221 -3.70 -15.92 -8.47
CA ASP A 221 -4.16 -17.08 -7.68
C ASP A 221 -3.01 -17.64 -6.82
N GLU A 222 -1.78 -17.55 -7.28
CA GLU A 222 -0.61 -17.92 -6.44
C GLU A 222 -0.66 -17.09 -5.15
N GLN A 223 -0.94 -15.79 -5.26
CA GLN A 223 -0.95 -14.91 -4.06
C GLN A 223 -2.22 -15.13 -3.24
N ALA A 224 -3.37 -15.38 -3.87
CA ALA A 224 -4.58 -15.72 -3.10
C ALA A 224 -4.33 -16.95 -2.23
N ALA A 225 -3.55 -17.89 -2.71
CA ALA A 225 -3.20 -19.11 -1.94
C ALA A 225 -2.13 -18.79 -0.89
N ASN A 226 -1.21 -17.88 -1.18
CA ASN A 226 -0.16 -17.45 -0.22
C ASN A 226 -0.78 -16.65 0.94
N TYR A 227 -1.88 -15.93 0.71
CA TYR A 227 -2.55 -15.05 1.68
C TYR A 227 -4.05 -15.36 1.70
N PRO A 228 -4.45 -16.50 2.27
CA PRO A 228 -5.84 -16.92 2.21
C PRO A 228 -6.81 -15.93 2.88
N GLY A 229 -8.03 -15.80 2.34
CA GLY A 229 -9.09 -14.98 2.96
C GLY A 229 -9.86 -14.08 2.00
N GLY A 230 -9.47 -14.03 0.72
CA GLY A 230 -10.23 -13.29 -0.30
C GLY A 230 -10.02 -11.79 -0.23
N LYS A 231 -8.88 -11.33 0.31
CA LYS A 231 -8.62 -9.90 0.53
C LYS A 231 -7.33 -9.48 -0.18
N VAL A 232 -6.92 -10.20 -1.21
CA VAL A 232 -5.76 -9.79 -2.03
C VAL A 232 -6.28 -8.90 -3.15
N LEU A 233 -5.79 -7.67 -3.18
CA LEU A 233 -6.12 -6.73 -4.27
CA LEU A 233 -6.13 -6.73 -4.26
C LEU A 233 -5.21 -6.99 -5.46
N ALA A 234 -5.73 -6.78 -6.65
CA ALA A 234 -4.93 -6.71 -7.88
C ALA A 234 -4.32 -5.31 -7.99
N SER A 235 -3.36 -5.14 -8.88
CA SER A 235 -2.66 -3.85 -9.01
C SER A 235 -1.88 -3.76 -10.30
N PHE A 236 -1.54 -2.53 -10.63
CA PHE A 236 -0.59 -2.26 -11.74
C PHE A 236 0.02 -0.90 -11.51
N LYS A 237 1.02 -0.59 -12.32
CA LYS A 237 1.83 0.63 -12.18
C LYS A 237 1.65 1.50 -13.41
N THR A 238 1.62 2.80 -13.18
CA THR A 238 1.59 3.80 -14.27
C THR A 238 2.95 4.47 -14.41
N GLY A 239 3.16 5.14 -15.55
CA GLY A 239 4.42 5.87 -15.83
C GLY A 239 5.60 4.94 -15.92
N ASP A 240 5.55 4.01 -16.86
CA ASP A 240 6.51 2.88 -16.97
C ASP A 240 7.45 3.11 -18.15
N VAL A 241 8.71 2.69 -18.01
CA VAL A 241 9.72 2.65 -19.10
C VAL A 241 9.18 1.80 -20.26
N ALA A 242 8.45 0.72 -19.95
CA ALA A 242 7.89 -0.25 -20.93
C ALA A 242 6.64 0.34 -21.62
N GLY A 243 6.11 1.46 -21.12
CA GLY A 243 4.94 2.15 -21.70
C GLY A 243 3.62 1.50 -21.30
N LEU A 244 2.57 1.75 -22.08
CA LEU A 244 1.17 1.39 -21.75
C LEU A 244 0.98 -0.13 -21.75
N LEU A 245 1.94 -0.90 -22.28
CA LEU A 245 1.95 -2.39 -22.24
C LEU A 245 1.61 -2.87 -20.83
N TRP A 246 2.34 -2.34 -19.84
CA TRP A 246 2.21 -2.68 -18.41
C TRP A 246 0.76 -2.43 -17.98
N PRO A 247 0.29 -1.16 -17.92
CA PRO A 247 -1.06 -0.90 -17.40
C PRO A 247 -2.14 -1.60 -18.22
N GLU A 248 -2.00 -1.74 -19.54
CA GLU A 248 -3.04 -2.45 -20.33
C GLU A 248 -3.14 -3.91 -19.88
N GLN A 249 -2.02 -4.53 -19.54
CA GLN A 249 -2.02 -5.94 -19.06
C GLN A 249 -2.67 -5.98 -17.67
N GLY A 250 -2.45 -4.96 -16.86
CA GLY A 250 -3.10 -4.86 -15.53
C GLY A 250 -4.61 -4.70 -15.69
N ILE A 251 -5.05 -3.83 -16.60
CA ILE A 251 -6.50 -3.62 -16.85
C ILE A 251 -7.11 -4.94 -17.34
N ALA A 252 -6.48 -5.58 -18.32
CA ALA A 252 -7.00 -6.87 -18.85
C ALA A 252 -7.05 -7.90 -17.72
N GLY A 253 -6.00 -7.95 -16.89
CA GLY A 253 -5.94 -8.91 -15.79
C GLY A 253 -7.06 -8.67 -14.80
N ALA A 254 -7.30 -7.41 -14.46
CA ALA A 254 -8.37 -7.07 -13.52
C ALA A 254 -9.72 -7.47 -14.09
N LYS A 255 -9.95 -7.22 -15.38
CA LYS A 255 -11.25 -7.61 -16.00
C LYS A 255 -11.43 -9.12 -15.94
N GLU A 256 -10.38 -9.87 -16.20
CA GLU A 256 -10.48 -11.35 -16.21
C GLU A 256 -10.69 -11.84 -14.78
N LEU A 257 -9.95 -11.30 -13.82
CA LEU A 257 -10.21 -11.67 -12.41
C LEU A 257 -11.67 -11.40 -12.06
N GLN A 258 -12.20 -10.25 -12.44
CA GLN A 258 -13.58 -9.90 -12.06
C GLN A 258 -14.57 -10.87 -12.75
N ARG A 259 -14.29 -11.24 -13.99
CA ARG A 259 -15.15 -12.23 -14.69
C ARG A 259 -15.21 -13.52 -13.86
N GLN A 260 -14.13 -13.87 -13.20
CA GLN A 260 -14.01 -15.13 -12.41
C GLN A 260 -14.41 -14.94 -10.95
N GLY A 261 -14.85 -13.75 -10.52
CA GLY A 261 -15.20 -13.54 -9.11
C GLY A 261 -13.98 -13.39 -8.22
N LYS A 262 -12.85 -12.95 -8.79
CA LYS A 262 -11.54 -12.93 -8.10
C LYS A 262 -10.99 -11.50 -7.95
N LEU A 263 -11.84 -10.48 -7.97
CA LEU A 263 -11.33 -9.08 -7.88
C LEU A 263 -11.92 -8.37 -6.67
N PRO A 264 -11.34 -8.55 -5.48
CA PRO A 264 -11.86 -7.86 -4.29
C PRO A 264 -11.69 -6.33 -4.40
N GLY A 265 -10.62 -5.92 -5.07
CA GLY A 265 -10.28 -4.50 -5.23
C GLY A 265 -9.06 -4.38 -6.10
N LEU A 266 -8.67 -3.15 -6.36
CA LEU A 266 -7.60 -2.86 -7.34
C LEU A 266 -6.88 -1.62 -6.85
N PHE A 267 -5.57 -1.57 -7.01
CA PHE A 267 -4.82 -0.34 -6.66
C PHE A 267 -3.79 -0.02 -7.72
N ILE A 268 -3.41 1.25 -7.72
CA ILE A 268 -2.41 1.79 -8.68
C ILE A 268 -1.28 2.46 -7.91
N TRP A 269 -0.07 2.17 -8.36
CA TRP A 269 1.12 3.02 -8.09
C TRP A 269 1.37 3.79 -9.37
N SER A 270 1.20 5.12 -9.43
CA SER A 270 0.83 6.03 -8.36
C SER A 270 0.16 7.24 -9.01
N ALA A 271 -0.50 8.07 -8.21
CA ALA A 271 -1.09 9.32 -8.75
C ALA A 271 0.02 10.20 -9.34
N ASP A 272 1.16 10.22 -8.69
CA ASP A 272 2.29 11.11 -9.08
C ASP A 272 2.76 10.71 -10.47
N SER A 273 2.91 9.41 -10.70
CA SER A 273 3.38 8.85 -11.99
CA SER A 273 3.42 8.93 -12.01
C SER A 273 2.34 9.11 -13.07
N SER A 274 1.06 8.90 -12.74
CA SER A 274 -0.03 9.13 -13.73
C SER A 274 -0.02 10.59 -14.16
N LYS A 275 0.07 11.51 -13.21
CA LYS A 275 -0.03 12.97 -13.49
C LYS A 275 0.93 13.38 -14.59
N VAL A 276 2.16 12.88 -14.56
CA VAL A 276 3.20 13.36 -15.53
C VAL A 276 3.33 12.36 -16.68
N SER A 277 2.49 11.32 -16.75
CA SER A 277 2.50 10.34 -17.85
C SER A 277 1.84 10.94 -19.09
N SER A 278 2.01 10.28 -20.23
CA SER A 278 1.38 10.68 -21.50
C SER A 278 -0.13 10.39 -21.48
N TYR A 279 -0.61 9.64 -20.49
CA TYR A 279 -2.02 9.18 -20.43
C TYR A 279 -2.78 9.87 -19.30
N GLY A 280 -2.17 10.85 -18.62
CA GLY A 280 -2.81 11.48 -17.47
C GLY A 280 -3.37 10.44 -16.53
N PHE A 281 -4.59 10.66 -16.07
CA PHE A 281 -5.27 9.76 -15.09
C PHE A 281 -6.18 8.78 -15.80
N GLU A 282 -5.93 8.47 -17.08
CA GLU A 282 -6.80 7.55 -17.82
C GLU A 282 -6.89 6.20 -17.12
N TYR A 283 -5.78 5.67 -16.60
CA TYR A 283 -5.83 4.31 -16.01
C TYR A 283 -6.57 4.32 -14.69
N GLU A 284 -6.50 5.41 -13.93
CA GLU A 284 -7.33 5.53 -12.72
C GLU A 284 -8.80 5.49 -13.13
N ILE A 285 -9.17 6.17 -14.21
CA ILE A 285 -10.59 6.19 -14.66
C ILE A 285 -10.98 4.77 -15.09
N LYS A 286 -10.16 4.13 -15.90
CA LYS A 286 -10.49 2.78 -16.42
C LYS A 286 -10.57 1.78 -15.26
N ALA A 287 -9.62 1.84 -14.33
CA ALA A 287 -9.59 0.91 -13.18
C ALA A 287 -10.86 1.11 -12.35
N GLN A 288 -11.23 2.35 -12.09
CA GLN A 288 -12.44 2.65 -11.27
C GLN A 288 -13.71 2.25 -12.02
N GLU A 289 -13.73 2.35 -13.34
CA GLU A 289 -14.92 1.91 -14.11
C GLU A 289 -15.12 0.41 -13.87
N ILE A 290 -14.04 -0.36 -13.88
CA ILE A 290 -14.13 -1.83 -13.63
C ILE A 290 -14.65 -2.05 -12.22
N ILE A 291 -14.05 -1.40 -11.24
CA ILE A 291 -14.42 -1.65 -9.82
C ILE A 291 -15.86 -1.20 -9.56
N ALA A 292 -16.33 -0.13 -10.18
CA ALA A 292 -17.69 0.41 -9.93
C ALA A 292 -18.76 -0.34 -10.72
N ASN A 293 -18.43 -0.94 -11.86
CA ASN A 293 -19.46 -1.45 -12.80
C ASN A 293 -19.15 -2.90 -13.12
N HIS A 294 -19.71 -3.80 -12.32
CA HIS A 294 -19.42 -5.24 -12.43
C HIS A 294 -20.30 -5.85 -13.53
C1 EDO B . -10.75 13.57 9.06
O1 EDO B . -10.28 12.55 8.18
C2 EDO B . -11.59 14.58 8.37
O2 EDO B . -12.45 14.01 7.41
C1 EDO C . 16.02 -8.33 17.47
O1 EDO C . 16.10 -7.83 18.79
C2 EDO C . 16.62 -7.37 16.51
O2 EDO C . 18.02 -7.17 16.76
C1 EDO D . 9.05 10.19 -0.43
O1 EDO D . 9.73 9.89 -1.62
C2 EDO D . 9.26 9.15 0.61
O2 EDO D . 10.46 8.43 0.53
C1 EDO E . 21.61 11.87 0.87
O1 EDO E . 21.05 13.08 1.41
C2 EDO E . 23.05 11.66 1.19
O2 EDO E . 23.88 12.70 0.72
C1 EDO F . -11.52 0.15 2.94
O1 EDO F . -10.15 0.18 2.64
C2 EDO F . -12.23 1.38 2.54
O2 EDO F . -11.78 2.53 3.21
C ACT G . 4.70 0.28 -3.52
O ACT G . 4.63 0.28 -4.76
OXT ACT G . 5.76 0.57 -2.89
CH3 ACT G . 3.44 -0.07 -2.74
C ACT H . -19.49 3.36 -2.01
O ACT H . -19.25 2.45 -2.81
OXT ACT H . -19.26 3.29 -0.80
CH3 ACT H . -20.06 4.67 -2.54
#